data_8HTS
#
_entry.id   8HTS
#
_cell.length_a   46.304
_cell.length_b   55.151
_cell.length_c   61.488
_cell.angle_alpha   90.00
_cell.angle_beta   90.00
_cell.angle_gamma   90.00
#
_symmetry.space_group_name_H-M   'P 21 21 21'
#
loop_
_entity.id
_entity.type
_entity.pdbx_description
1 polymer 'Apoptosis regulator Bcl-2'
2 non-polymer 4-[2-[(2~{S})-2-(2-cyclopropylphenyl)pyrrolidin-1-yl]-7-azaspiro[3.5]nonan-7-yl]-~{N}-[3-nitro-4-(oxan-4-ylmethylamino)phenyl]sulfonyl-2-(1~{H}-pyrrolo[2,3-b]pyridin-5-yloxy)benzamide
3 water water
#
_entity_poly.entity_id   1
_entity_poly.type   'polypeptide(L)'
_entity_poly.pdbx_seq_one_letter_code
;GPLGSMAHAGRTGYDNREIVMKYIHYKLSQRGYEWDAGDDVEENRTEAPEGTESEVVHLTLRQAGDDFSRRYRRDFAEMS
SQLHLTPFTARGRFATVVEELFRDGVNWGRIVAFFEFGGVMCVESVNREMSPLVDNIALWMTEYLNRHLHTWIQDNGGWD
AFVELYGPSMR
;
_entity_poly.pdbx_strand_id   A
#
loop_
_chem_comp.id
_chem_comp.type
_chem_comp.name
_chem_comp.formula
N2L non-polymer 4-[2-[(2~{S})-2-(2-cyclopropylphenyl)pyrrolidin-1-yl]-7-azaspiro[3.5]nonan-7-yl]-~{N}-[3-nitro-4-(oxan-4-ylmethylamino)phenyl]sulfonyl-2-(1~{H}-pyrrolo[2,3-b]pyridin-5-yloxy)benzamide 'C47 H53 N7 O7 S'
#
# COMPACT_ATOMS: atom_id res chain seq x y z
N TYR A 14 12.33 -8.72 -7.08
CA TYR A 14 10.88 -8.64 -6.88
C TYR A 14 10.28 -7.58 -7.77
N ASP A 15 9.03 -7.80 -8.18
CA ASP A 15 8.32 -6.86 -9.05
C ASP A 15 7.42 -6.00 -8.18
N ASN A 16 7.67 -4.70 -8.23
CA ASN A 16 7.00 -3.73 -7.38
C ASN A 16 5.54 -3.58 -7.77
N ARG A 17 5.23 -3.69 -9.07
CA ARG A 17 3.84 -3.73 -9.52
C ARG A 17 3.10 -4.92 -8.91
N GLU A 18 3.74 -6.09 -8.90
CA GLU A 18 3.11 -7.26 -8.29
C GLU A 18 2.87 -7.04 -6.80
N ILE A 19 3.82 -6.41 -6.11
CA ILE A 19 3.63 -6.15 -4.69
C ILE A 19 2.40 -5.26 -4.48
N VAL A 20 2.29 -4.20 -5.28
CA VAL A 20 1.14 -3.30 -5.16
C VAL A 20 -0.17 -4.03 -5.45
N MET A 21 -0.22 -4.75 -6.59
CA MET A 21 -1.44 -5.45 -6.99
C MET A 21 -1.88 -6.44 -5.92
N LYS A 22 -0.95 -7.25 -5.43
CA LYS A 22 -1.34 -8.27 -4.46
C LYS A 22 -1.78 -7.62 -3.16
N TYR A 23 -1.11 -6.54 -2.74
CA TYR A 23 -1.52 -5.88 -1.52
C TYR A 23 -2.94 -5.33 -1.65
N ILE A 24 -3.22 -4.59 -2.72
CA ILE A 24 -4.54 -4.00 -2.90
C ILE A 24 -5.60 -5.10 -3.01
N HIS A 25 -5.32 -6.14 -3.79
CA HIS A 25 -6.30 -7.18 -4.01
C HIS A 25 -6.65 -7.87 -2.71
N TYR A 26 -5.65 -8.15 -1.87
CA TYR A 26 -5.97 -8.82 -0.62
C TYR A 26 -6.80 -7.90 0.26
N LYS A 27 -6.45 -6.61 0.28
CA LYS A 27 -7.14 -5.65 1.14
C LYS A 27 -8.61 -5.51 0.73
N LEU A 28 -8.87 -5.50 -0.57
CA LEU A 28 -10.24 -5.41 -1.08
C LEU A 28 -10.99 -6.71 -0.87
N SER A 29 -10.36 -7.85 -1.18
CA SER A 29 -11.02 -9.15 -1.03
C SER A 29 -11.44 -9.39 0.40
N GLN A 30 -10.66 -8.90 1.36
CA GLN A 30 -11.07 -9.08 2.75
C GLN A 30 -12.29 -8.24 3.12
N ARG A 31 -12.72 -7.34 2.24
CA ARG A 31 -13.99 -6.62 2.40
C ARG A 31 -15.08 -7.15 1.47
N GLY A 32 -14.83 -8.24 0.77
CA GLY A 32 -15.82 -8.78 -0.14
C GLY A 32 -15.87 -8.15 -1.51
N TYR A 33 -14.87 -7.33 -1.87
CA TYR A 33 -14.79 -6.76 -3.20
C TYR A 33 -13.76 -7.53 -4.03
N GLU A 34 -14.21 -8.12 -5.11
CA GLU A 34 -13.36 -8.86 -6.04
C GLU A 34 -12.91 -7.88 -7.12
N TRP A 35 -11.63 -7.57 -7.12
CA TRP A 35 -11.03 -6.67 -8.08
C TRP A 35 -10.46 -7.51 -9.21
N ASP A 36 -11.06 -7.36 -10.41
CA ASP A 36 -10.77 -8.30 -11.50
C ASP A 36 -9.31 -8.26 -11.92
N ALA A 37 -8.71 -7.06 -11.98
CA ALA A 37 -7.29 -6.96 -12.28
C ALA A 37 -6.48 -7.75 -11.25
N GLY A 38 -6.81 -7.58 -9.97
CA GLY A 38 -6.17 -8.38 -8.94
C GLY A 38 -6.50 -9.86 -9.05
N ASP A 39 -7.72 -10.19 -9.48
CA ASP A 39 -8.06 -11.61 -9.67
C ASP A 39 -7.13 -12.25 -10.69
N ASP A 40 -6.84 -11.56 -11.79
CA ASP A 40 -5.90 -12.13 -12.76
C ASP A 40 -4.46 -12.08 -12.27
N VAL A 41 -4.12 -11.14 -11.38
CA VAL A 41 -2.79 -11.15 -10.78
C VAL A 41 -2.61 -12.37 -9.87
N GLU A 42 -3.63 -12.70 -9.06
CA GLU A 42 -3.56 -13.84 -8.16
C GLU A 42 -3.40 -15.16 -8.89
N GLU A 43 -3.71 -15.19 -10.19
CA GLU A 43 -3.73 -16.42 -10.97
C GLU A 43 -2.38 -16.72 -11.63
N ASN A 44 -1.45 -15.78 -11.61
CA ASN A 44 -0.18 -15.95 -12.31
C ASN A 44 0.87 -16.60 -11.43
N GLU A 53 10.44 -16.74 -3.29
CA GLU A 53 10.11 -16.24 -1.96
C GLU A 53 9.31 -14.94 -1.98
N SER A 54 8.69 -14.64 -3.12
CA SER A 54 7.85 -13.45 -3.18
C SER A 54 6.68 -13.55 -2.20
N GLU A 55 6.19 -14.77 -1.96
CA GLU A 55 5.07 -14.92 -1.05
C GLU A 55 5.42 -14.44 0.36
N VAL A 56 6.65 -14.70 0.81
CA VAL A 56 7.06 -14.21 2.11
C VAL A 56 7.07 -12.67 2.16
N VAL A 57 7.45 -12.02 1.06
CA VAL A 57 7.41 -10.56 1.03
C VAL A 57 5.97 -10.07 1.13
N HIS A 58 5.07 -10.64 0.33
CA HIS A 58 3.68 -10.20 0.37
C HIS A 58 3.08 -10.42 1.75
N LEU A 59 3.34 -11.59 2.34
CA LEU A 59 2.81 -11.88 3.66
C LEU A 59 3.35 -10.92 4.70
N THR A 60 4.67 -10.68 4.69
CA THR A 60 5.26 -9.81 5.69
C THR A 60 4.70 -8.41 5.56
N LEU A 61 4.53 -7.92 4.33
CA LEU A 61 3.98 -6.58 4.15
C LEU A 61 2.55 -6.52 4.68
N ARG A 62 1.75 -7.54 4.43
CA ARG A 62 0.40 -7.58 5.00
C ARG A 62 0.42 -7.53 6.52
N GLN A 63 1.30 -8.33 7.13
CA GLN A 63 1.38 -8.36 8.60
C GLN A 63 1.82 -7.01 9.14
N ALA A 64 2.83 -6.42 8.52
CA ALA A 64 3.31 -5.12 8.96
C ALA A 64 2.24 -4.06 8.81
N GLY A 65 1.50 -4.09 7.70
CA GLY A 65 0.44 -3.13 7.49
C GLY A 65 -0.69 -3.27 8.50
N ASP A 66 -1.05 -4.51 8.84
CA ASP A 66 -2.06 -4.74 9.87
C ASP A 66 -1.58 -4.22 11.23
N ASP A 67 -0.28 -4.40 11.52
CA ASP A 67 0.26 -3.87 12.77
C ASP A 67 0.24 -2.34 12.79
N PHE A 68 0.62 -1.73 11.66
CA PHE A 68 0.56 -0.28 11.56
C PHE A 68 -0.85 0.24 11.75
N SER A 69 -1.82 -0.39 11.09
CA SER A 69 -3.19 0.08 11.19
C SER A 69 -3.73 -0.09 12.61
N ARG A 70 -3.32 -1.14 13.33
CA ARG A 70 -3.68 -1.26 14.74
C ARG A 70 -3.07 -0.12 15.56
N ARG A 71 -1.77 0.14 15.37
CA ARG A 71 -1.11 1.21 16.12
C ARG A 71 -1.75 2.57 15.87
N TYR A 72 -2.22 2.81 14.65
CA TYR A 72 -2.79 4.08 14.24
C TYR A 72 -4.27 3.98 13.96
N ARG A 73 -4.98 3.11 14.69
CA ARG A 73 -6.37 2.82 14.35
C ARG A 73 -7.24 4.07 14.37
N ARG A 74 -7.15 4.87 15.42
CA ARG A 74 -8.02 6.04 15.53
C ARG A 74 -7.67 7.10 14.48
N ASP A 75 -6.37 7.29 14.23
CA ASP A 75 -5.96 8.23 13.19
C ASP A 75 -6.44 7.78 11.82
N PHE A 76 -6.45 6.47 11.58
CA PHE A 76 -6.94 5.96 10.30
C PHE A 76 -8.43 6.17 10.15
N ALA A 77 -9.20 5.98 11.23
CA ALA A 77 -10.64 6.26 11.13
C ALA A 77 -10.88 7.73 10.78
N GLU A 78 -10.12 8.63 11.43
CA GLU A 78 -10.26 10.04 11.09
C GLU A 78 -9.87 10.31 9.63
N MET A 79 -8.78 9.68 9.16
CA MET A 79 -8.36 9.90 7.78
C MET A 79 -9.44 9.47 6.80
N SER A 80 -10.06 8.32 7.06
CA SER A 80 -11.17 7.89 6.20
C SER A 80 -12.25 8.96 6.14
N SER A 81 -12.46 9.67 7.25
CA SER A 81 -13.40 10.80 7.19
C SER A 81 -12.84 12.04 6.47
N GLN A 82 -11.51 12.15 6.33
CA GLN A 82 -10.86 13.35 5.78
C GLN A 82 -10.44 13.21 4.33
N LEU A 83 -10.60 12.04 3.71
CA LEU A 83 -10.11 11.86 2.36
C LEU A 83 -10.88 12.70 1.35
N HIS A 84 -12.18 12.88 1.58
CA HIS A 84 -13.02 13.68 0.71
C HIS A 84 -12.90 13.24 -0.74
N LEU A 85 -12.96 11.93 -0.95
CA LEU A 85 -12.65 11.37 -2.25
C LEU A 85 -13.66 11.80 -3.30
N THR A 86 -13.17 12.23 -4.44
CA THR A 86 -13.99 12.42 -5.63
C THR A 86 -13.19 11.95 -6.83
N PRO A 87 -13.86 11.65 -7.95
CA PRO A 87 -13.10 11.21 -9.14
C PRO A 87 -12.04 12.19 -9.59
N PHE A 88 -12.34 13.49 -9.57
CA PHE A 88 -11.40 14.46 -10.09
C PHE A 88 -10.39 14.99 -9.08
N THR A 89 -10.55 14.71 -7.78
CA THR A 89 -9.57 15.16 -6.80
C THR A 89 -8.80 14.04 -6.15
N ALA A 90 -9.11 12.78 -6.45
CA ALA A 90 -8.44 11.65 -5.81
C ALA A 90 -6.94 11.68 -6.06
N ARG A 91 -6.53 12.00 -7.29
CA ARG A 91 -5.10 12.02 -7.59
C ARG A 91 -4.38 13.07 -6.75
N GLY A 92 -4.96 14.25 -6.60
CA GLY A 92 -4.36 15.27 -5.76
C GLY A 92 -4.34 14.91 -4.30
N ARG A 93 -5.36 14.19 -3.82
CA ARG A 93 -5.34 13.73 -2.43
C ARG A 93 -4.20 12.74 -2.21
N PHE A 94 -4.06 11.79 -3.13
CA PHE A 94 -2.94 10.86 -3.06
C PHE A 94 -1.61 11.62 -3.06
N ALA A 95 -1.47 12.58 -3.98
CA ALA A 95 -0.23 13.33 -4.11
C ALA A 95 0.11 14.08 -2.84
N THR A 96 -0.88 14.74 -2.25
CA THR A 96 -0.65 15.53 -1.05
C THR A 96 -0.21 14.64 0.11
N VAL A 97 -0.93 13.53 0.31
CA VAL A 97 -0.63 12.68 1.45
C VAL A 97 0.75 12.05 1.30
N VAL A 98 1.07 11.54 0.10
CA VAL A 98 2.33 10.82 -0.04
C VAL A 98 3.51 11.78 0.02
N GLU A 99 3.37 12.99 -0.55
CA GLU A 99 4.45 13.98 -0.42
C GLU A 99 4.72 14.29 1.04
N GLU A 100 3.68 14.50 1.83
CA GLU A 100 3.89 14.81 3.24
C GLU A 100 4.48 13.62 4.01
N LEU A 101 4.02 12.41 3.68
CA LEU A 101 4.50 11.21 4.36
C LEU A 101 6.01 11.07 4.19
N PHE A 102 6.54 11.42 3.02
CA PHE A 102 7.95 11.23 2.74
C PHE A 102 8.77 12.51 2.87
N ARG A 103 8.21 13.55 3.48
CA ARG A 103 8.91 14.83 3.60
C ARG A 103 10.24 14.69 4.31
N ASP A 104 10.35 13.79 5.28
CA ASP A 104 11.55 13.64 6.08
C ASP A 104 12.43 12.50 5.58
N GLY A 105 12.10 11.90 4.45
CA GLY A 105 12.85 10.81 3.87
C GLY A 105 12.09 9.50 3.97
N VAL A 106 12.79 8.43 3.58
CA VAL A 106 12.21 7.10 3.45
C VAL A 106 12.74 6.20 4.55
N ASN A 107 11.88 5.34 5.09
CA ASN A 107 12.30 4.21 5.92
C ASN A 107 11.22 3.14 5.77
N TRP A 108 11.44 1.97 6.38
CA TRP A 108 10.50 0.88 6.18
C TRP A 108 9.12 1.24 6.72
N GLY A 109 9.05 1.89 7.87
CA GLY A 109 7.74 2.18 8.46
C GLY A 109 6.92 3.11 7.59
N ARG A 110 7.57 4.10 6.96
CA ARG A 110 6.86 4.98 6.04
C ARG A 110 6.44 4.26 4.77
N ILE A 111 7.23 3.29 4.30
CA ILE A 111 6.80 2.48 3.17
C ILE A 111 5.54 1.67 3.53
N VAL A 112 5.52 1.09 4.73
CA VAL A 112 4.32 0.38 5.18
C VAL A 112 3.14 1.34 5.27
N ALA A 113 3.37 2.54 5.82
CA ALA A 113 2.30 3.55 5.88
C ALA A 113 1.76 3.88 4.50
N PHE A 114 2.66 3.99 3.51
CA PHE A 114 2.28 4.27 2.13
C PHE A 114 1.37 3.18 1.59
N PHE A 115 1.72 1.91 1.82
CA PHE A 115 0.85 0.82 1.38
C PHE A 115 -0.50 0.87 2.06
N GLU A 116 -0.51 1.04 3.40
CA GLU A 116 -1.77 1.08 4.12
C GLU A 116 -2.63 2.25 3.66
N PHE A 117 -2.02 3.40 3.38
CA PHE A 117 -2.76 4.54 2.87
C PHE A 117 -3.38 4.23 1.50
N GLY A 118 -2.59 3.67 0.59
CA GLY A 118 -3.16 3.29 -0.69
C GLY A 118 -4.30 2.30 -0.54
N GLY A 119 -4.17 1.37 0.39
CA GLY A 119 -5.25 0.43 0.65
C GLY A 119 -6.51 1.11 1.17
N VAL A 120 -6.35 2.07 2.08
CA VAL A 120 -7.49 2.86 2.55
C VAL A 120 -8.14 3.59 1.40
N MET A 121 -7.35 4.18 0.51
CA MET A 121 -7.93 4.88 -0.63
C MET A 121 -8.74 3.94 -1.50
N CYS A 122 -8.25 2.72 -1.71
CA CYS A 122 -8.97 1.76 -2.54
C CYS A 122 -10.26 1.30 -1.86
N VAL A 123 -10.20 0.99 -0.57
CA VAL A 123 -11.39 0.58 0.17
C VAL A 123 -12.43 1.69 0.15
N GLU A 124 -12.00 2.94 0.38
CA GLU A 124 -12.94 4.05 0.38
C GLU A 124 -13.53 4.26 -1.01
N SER A 125 -12.72 4.09 -2.06
CA SER A 125 -13.23 4.21 -3.42
C SER A 125 -14.36 3.22 -3.67
N VAL A 126 -14.18 1.96 -3.26
CA VAL A 126 -15.25 0.97 -3.44
C VAL A 126 -16.45 1.33 -2.59
N ASN A 127 -16.22 1.71 -1.33
CA ASN A 127 -17.33 2.03 -0.43
C ASN A 127 -18.15 3.21 -0.90
N ARG A 128 -17.54 4.15 -1.63
CA ARG A 128 -18.20 5.37 -2.06
C ARG A 128 -18.65 5.33 -3.52
N GLU A 129 -18.74 4.13 -4.10
CA GLU A 129 -19.25 3.96 -5.46
C GLU A 129 -18.35 4.65 -6.48
N MET A 130 -17.04 4.53 -6.26
CA MET A 130 -16.01 5.16 -7.06
C MET A 130 -14.98 4.09 -7.42
N SER A 131 -15.46 2.87 -7.63
CA SER A 131 -14.55 1.74 -7.82
C SER A 131 -13.55 1.88 -8.98
N PRO A 132 -13.83 2.60 -10.08
CA PRO A 132 -12.79 2.77 -11.11
C PRO A 132 -11.49 3.33 -10.57
N LEU A 133 -11.56 4.11 -9.49
CA LEU A 133 -10.37 4.72 -8.92
C LEU A 133 -9.35 3.67 -8.47
N VAL A 134 -9.81 2.46 -8.13
CA VAL A 134 -8.86 1.44 -7.66
C VAL A 134 -7.74 1.26 -8.66
N ASP A 135 -8.10 1.18 -9.95
CA ASP A 135 -7.06 0.94 -10.94
C ASP A 135 -6.09 2.12 -11.00
N ASN A 136 -6.62 3.33 -10.89
CA ASN A 136 -5.77 4.51 -10.90
C ASN A 136 -4.85 4.50 -9.70
N ILE A 137 -5.38 4.15 -8.53
CA ILE A 137 -4.56 4.18 -7.32
C ILE A 137 -3.43 3.17 -7.44
N ALA A 138 -3.73 1.99 -8.01
CA ALA A 138 -2.67 0.99 -8.13
C ALA A 138 -1.56 1.53 -9.01
N LEU A 139 -1.94 2.25 -10.09
CA LEU A 139 -0.94 2.82 -10.98
C LEU A 139 -0.13 3.87 -10.25
N TRP A 140 -0.81 4.75 -9.51
CA TRP A 140 -0.08 5.81 -8.81
C TRP A 140 0.89 5.20 -7.82
N MET A 141 0.47 4.13 -7.12
CA MET A 141 1.36 3.53 -6.14
C MET A 141 2.56 2.92 -6.82
N THR A 142 2.32 2.18 -7.92
CA THR A 142 3.42 1.55 -8.62
C THR A 142 4.40 2.61 -9.10
N GLU A 143 3.88 3.71 -9.66
CA GLU A 143 4.79 4.71 -10.21
C GLU A 143 5.55 5.39 -9.09
N TYR A 144 4.87 5.64 -7.97
CA TYR A 144 5.55 6.31 -6.87
C TYR A 144 6.67 5.43 -6.35
N LEU A 145 6.38 4.13 -6.20
CA LEU A 145 7.38 3.23 -5.67
C LEU A 145 8.57 3.20 -6.63
N ASN A 146 8.29 3.16 -7.94
CA ASN A 146 9.37 3.04 -8.89
C ASN A 146 10.21 4.30 -8.92
N ARG A 147 9.59 5.47 -8.71
N ARG A 147 9.59 5.47 -8.73
CA ARG A 147 10.29 6.72 -8.97
CA ARG A 147 10.32 6.71 -8.97
C ARG A 147 10.89 7.34 -7.73
C ARG A 147 10.98 7.25 -7.72
N HIS A 148 10.42 6.97 -6.56
CA HIS A 148 10.90 7.53 -5.31
C HIS A 148 11.45 6.52 -4.32
N LEU A 149 10.94 5.30 -4.30
CA LEU A 149 11.25 4.39 -3.20
C LEU A 149 12.23 3.29 -3.58
N HIS A 150 12.39 3.00 -4.87
CA HIS A 150 13.14 1.83 -5.29
C HIS A 150 14.62 1.95 -4.94
N THR A 151 15.24 3.12 -5.16
CA THR A 151 16.66 3.26 -4.81
C THR A 151 16.88 3.05 -3.33
N TRP A 152 16.05 3.66 -2.49
CA TRP A 152 16.19 3.46 -1.05
C TRP A 152 16.03 2.00 -0.71
N ILE A 153 15.01 1.34 -1.27
CA ILE A 153 14.77 -0.07 -0.98
C ILE A 153 16.00 -0.90 -1.31
N GLN A 154 16.55 -0.71 -2.49
CA GLN A 154 17.68 -1.53 -2.90
C GLN A 154 18.94 -1.20 -2.10
N ASP A 155 19.13 0.07 -1.74
CA ASP A 155 20.28 0.47 -0.95
C ASP A 155 20.19 -0.02 0.48
N ASN A 156 18.99 -0.42 0.93
CA ASN A 156 18.80 -0.86 2.30
C ASN A 156 18.51 -2.35 2.39
N GLY A 157 19.03 -3.11 1.43
CA GLY A 157 18.98 -4.56 1.51
C GLY A 157 17.82 -5.18 0.78
N GLY A 158 16.99 -4.38 0.14
CA GLY A 158 15.84 -4.90 -0.58
C GLY A 158 14.75 -5.41 0.35
N TRP A 159 13.71 -5.92 -0.32
CA TRP A 159 12.59 -6.51 0.41
C TRP A 159 13.03 -7.68 1.29
N ASP A 160 14.13 -8.36 0.93
CA ASP A 160 14.63 -9.42 1.81
C ASP A 160 15.03 -8.88 3.17
N ALA A 161 15.60 -7.67 3.20
CA ALA A 161 15.97 -7.05 4.47
C ALA A 161 14.74 -6.65 5.26
N PHE A 162 13.71 -6.16 4.55
CA PHE A 162 12.43 -5.91 5.22
C PHE A 162 11.91 -7.18 5.90
N VAL A 163 11.95 -8.30 5.18
CA VAL A 163 11.46 -9.56 5.75
C VAL A 163 12.30 -9.96 6.95
N GLU A 164 13.62 -9.79 6.87
CA GLU A 164 14.46 -10.17 8.02
C GLU A 164 14.13 -9.34 9.26
N LEU A 165 13.84 -8.05 9.06
CA LEU A 165 13.57 -7.17 10.20
C LEU A 165 12.18 -7.39 10.78
N TYR A 166 11.19 -7.62 9.94
CA TYR A 166 9.79 -7.50 10.35
C TYR A 166 8.98 -8.76 10.10
N GLY A 167 9.62 -9.83 9.64
CA GLY A 167 8.97 -11.12 9.44
C GLY A 167 9.02 -11.98 10.68
N PRO A 168 8.93 -13.30 10.51
CA PRO A 168 8.75 -14.18 11.66
C PRO A 168 10.03 -14.57 12.37
N SER A 169 11.20 -14.11 11.94
CA SER A 169 12.41 -14.43 12.66
C SER A 169 12.45 -13.75 14.01
N MET A 170 13.16 -14.39 14.93
N MET A 170 13.14 -14.39 14.95
CA MET A 170 13.36 -13.84 16.27
CA MET A 170 13.28 -13.80 16.28
C MET A 170 14.10 -12.51 16.18
C MET A 170 14.07 -12.51 16.18
N ARG A 171 13.59 -11.49 16.87
CA ARG A 171 14.21 -10.18 16.85
C ARG A 171 15.20 -10.10 18.00
N1 N2L B . 7.77 -2.07 9.44
N3 N2L B . 9.31 3.05 11.25
C4 N2L B . 9.07 -0.11 12.95
C5 N2L B . 8.32 -1.27 13.08
C6 N2L B . 7.85 -1.97 11.96
C7 N2L B . 6.83 -3.77 13.37
C8 N2L B . 5.80 -4.88 13.21
C10 N2L B . 4.63 -6.79 14.29
C13 N2L B . 8.46 3.42 12.27
C15 N2L B . 7.75 5.39 10.91
C17 N2L B . 5.63 6.49 11.26
C20 N2L B . 5.51 2.39 13.20
C21 N2L B . 5.06 1.58 14.30
C22 N2L B . 4.67 -0.14 12.87
C24 N2L B . 4.96 -0.31 10.62
C26 N2L B . 5.55 1.89 11.92
C28 N2L B . 2.77 8.83 11.66
C1 N2L B . 8.19 -1.46 10.68
C11 N2L B . 5.19 -6.99 12.02
C12 N2L B . 6.18 -5.86 12.10
C14 N2L B . 7.47 4.48 11.92
C16 N2L B . 6.85 6.39 10.57
C18 N2L B . 5.32 5.54 12.24
C19 N2L B . 6.23 4.56 12.55
C2 N2L B . 8.95 -0.30 10.56
C23 N2L B . 4.46 -1.50 11.11
C25 N2L B . 5.10 0.57 11.72
C27 N2L B . 3.35 7.46 11.50
C29 N2L B . 2.81 9.60 10.35
C3 N2L B . 9.38 0.36 11.68
C30 N2L B . 4.25 9.66 9.87
C31 N2L B . 4.86 8.29 9.72
C32 N2L B . 2.13 10.99 10.40
C33 N2L B . 0.85 10.36 9.80
C34 N2L B . 1.73 9.20 9.32
C35 N2L B . -0.15 12.52 9.23
C36 N2L B . -1.17 13.03 8.22
C37 N2L B . -1.64 11.79 7.46
C38 N2L B . -1.12 10.62 8.31
C39 N2L B . -0.97 9.30 7.58
C40 N2L B . -0.28 9.24 6.35
C41 N2L B . -0.10 8.03 5.71
C42 N2L B . -0.60 6.87 6.26
C43 N2L B . -1.29 6.91 7.47
C44 N2L B . -1.49 8.12 8.12
C45 N2L B . -2.24 8.15 9.42
C46 N2L B . -1.66 7.66 10.69
C47 N2L B . -2.76 6.91 10.08
C9 N2L B . 5.60 -5.65 14.51
N2 N2L B . 7.11 -3.11 12.10
N4 N2L B . 4.63 0.33 14.12
N5 N2L B . 4.27 -1.39 12.47
N6 N2L B . 4.70 7.45 10.92
N7 N2L B . 0.17 11.16 8.78
O1 N2L B . 7.11 -3.10 9.47
O2 N2L B . 8.12 -1.54 8.39
O3 N2L B . 5.06 -7.67 13.26
O4 N2L B . 11.15 1.97 12.66
O5 N2L B . 11.06 1.65 10.23
O6 N2L B . 8.51 2.93 13.37
O7 N2L B . 5.89 3.66 13.56
S1 N2L B . 10.36 1.80 11.47
#